data_4PKS
#
_entry.id   4PKS
#
_cell.length_a   51.920
_cell.length_b   77.890
_cell.length_c   134.770
_cell.angle_alpha   90.000
_cell.angle_beta   90.000
_cell.angle_gamma   90.000
#
_symmetry.space_group_name_H-M   'P 21 21 21'
#
loop_
_entity.id
_entity.type
_entity.pdbx_description
1 polymer 'Lethal factor'
2 non-polymer 'ZINC ION'
3 non-polymer N~2~-[(4-fluoro-3-methylphenyl)sulfonyl]-N-hydroxy-N~2~-(pyridin-3-ylmethyl)-D-alaninamide
4 non-polymer GLYCEROL
5 non-polymer 1,2-ETHANEDIOL
6 water water
#
_entity_poly.entity_id   1
_entity_poly.type   'polypeptide(L)'
_entity_poly.pdbx_seq_one_letter_code
;SNALSRYEKWEKIKQHYQHWSDSLSEEGRGLLKKLQIPIEPKKDDIIHSLSQEEKELLKRIQIDSSDFLSTEEKEFLKKL
QIDIRDSLSEEEKELLNRIQVDSSNPLSEKEKEFLKKLKLDIQPYDINQRLQDTGGLIDSPSINLDVRKQYKRDIQNIDA
LLHQSIGSTLYNKIYLYENMNINNLTATLGADLVDSTDNTKINRGIFNEFKKNFKYSISSNYMIVDINERPALDNERLKW
RIQLSPDTRAGYLENGKLILQRNIGLEIKDVQIIKQSEKEYIRIDAKVVPKSKIDTKIQEAQLNINQEWNKALGLPKYTK
LITFNVHNRYASNIVESAYLILNEWKNNIQSDLIKKVTNYLVDGNGRFVFTDITLPNIAEQYTHQDEIYEQVHSKGLYVP
ESRSILLHGPSKGVELRNDSEGFIHEFGHAVDDYAGYLLDKNQSDLVTNSKKFIDIFKEEGSNLTSYGRTNEAEFFAEAF
RLMHSTDHAERLKVQKNAPKTFQFINDQIKFIINSLVPR
;
_entity_poly.pdbx_strand_id   A
#
loop_
_chem_comp.id
_chem_comp.type
_chem_comp.name
_chem_comp.formula
30H non-polymer N~2~-[(4-fluoro-3-methylphenyl)sulfonyl]-N-hydroxy-N~2~-(pyridin-3-ylmethyl)-D-alaninamide 'C16 H18 F N3 O4 S'
EDO non-polymer 1,2-ETHANEDIOL 'C2 H6 O2'
GOL non-polymer GLYCEROL 'C3 H8 O3'
ZN non-polymer 'ZINC ION' 'Zn 2'
#
# COMPACT_ATOMS: atom_id res chain seq x y z
N ARG A 6 0.94 0.08 36.65
CA ARG A 6 0.52 0.81 35.46
C ARG A 6 1.22 2.17 35.37
N TYR A 7 1.49 2.79 36.51
CA TYR A 7 2.06 4.13 36.55
C TYR A 7 3.45 4.19 37.18
N GLU A 8 3.94 3.06 37.66
CA GLU A 8 5.15 3.03 38.46
C GLU A 8 6.44 3.31 37.66
N LYS A 9 6.37 3.18 36.34
CA LYS A 9 7.54 3.39 35.50
C LYS A 9 7.52 4.75 34.79
N TRP A 10 6.40 5.45 34.85
CA TRP A 10 6.28 6.77 34.23
C TRP A 10 7.37 7.71 34.73
N GLU A 11 7.47 7.83 36.04
CA GLU A 11 8.32 8.82 36.67
C GLU A 11 9.79 8.73 36.25
N LYS A 12 10.34 7.51 36.20
CA LYS A 12 11.76 7.36 35.94
C LYS A 12 12.09 7.60 34.46
N ILE A 13 11.15 7.29 33.57
CA ILE A 13 11.32 7.63 32.16
C ILE A 13 11.24 9.14 31.99
N LYS A 14 10.26 9.76 32.66
CA LYS A 14 10.11 11.20 32.65
C LYS A 14 11.36 11.91 33.18
N GLN A 15 11.91 11.41 34.28
CA GLN A 15 13.11 12.02 34.87
C GLN A 15 14.33 11.84 33.98
N HIS A 16 14.36 10.73 33.24
CA HIS A 16 15.45 10.49 32.30
C HIS A 16 15.46 11.56 31.21
N TYR A 17 14.27 11.96 30.77
CA TYR A 17 14.12 12.94 29.71
C TYR A 17 13.79 14.33 30.23
N GLN A 18 14.07 14.57 31.51
CA GLN A 18 13.73 15.84 32.17
C GLN A 18 14.41 17.04 31.50
N HIS A 19 15.72 16.97 31.34
CA HIS A 19 16.47 18.07 30.74
C HIS A 19 16.07 18.27 29.28
N TRP A 20 15.92 17.16 28.56
CA TRP A 20 15.49 17.19 27.17
C TRP A 20 14.16 17.93 27.01
N SER A 21 13.24 17.67 27.92
CA SER A 21 11.92 18.30 27.85
C SER A 21 12.01 19.80 28.14
N ASP A 22 12.79 20.16 29.16
CA ASP A 22 12.93 21.55 29.57
C ASP A 22 13.61 22.41 28.50
N SER A 23 14.51 21.80 27.74
CA SER A 23 15.31 22.54 26.77
C SER A 23 14.62 22.66 25.40
N LEU A 24 13.38 22.20 25.32
CA LEU A 24 12.62 22.25 24.08
C LEU A 24 12.15 23.66 23.74
N SER A 25 12.46 24.12 22.53
CA SER A 25 12.02 25.43 22.07
C SER A 25 10.52 25.42 21.82
N GLU A 26 9.93 26.61 21.70
CA GLU A 26 8.50 26.72 21.44
C GLU A 26 8.14 26.08 20.10
N GLU A 27 9.06 26.11 19.16
CA GLU A 27 8.84 25.54 17.83
C GLU A 27 8.98 24.03 17.87
N GLY A 28 9.95 23.55 18.63
CA GLY A 28 10.18 22.12 18.77
C GLY A 28 8.96 21.47 19.41
N ARG A 29 8.36 22.16 20.36
CA ARG A 29 7.17 21.66 21.02
C ARG A 29 5.95 21.68 20.08
N GLY A 30 5.82 22.77 19.33
CA GLY A 30 4.72 22.91 18.39
C GLY A 30 4.78 21.85 17.30
N LEU A 31 6.00 21.43 16.99
CA LEU A 31 6.22 20.41 15.97
C LEU A 31 5.76 19.04 16.47
N LEU A 32 6.04 18.75 17.74
CA LEU A 32 5.64 17.49 18.34
C LEU A 32 4.13 17.41 18.48
N LYS A 33 3.49 18.56 18.67
CA LYS A 33 2.04 18.61 18.72
C LYS A 33 1.45 18.39 17.32
N LYS A 34 2.11 18.96 16.31
CA LYS A 34 1.71 18.78 14.92
C LYS A 34 1.75 17.32 14.52
N LEU A 35 2.79 16.62 14.98
CA LEU A 35 2.98 15.21 14.66
C LEU A 35 1.91 14.33 15.30
N GLN A 36 1.51 14.66 16.52
CA GLN A 36 0.48 13.92 17.24
C GLN A 36 -0.92 14.22 16.70
N ILE A 37 -1.13 15.46 16.27
CA ILE A 37 -2.43 15.88 15.76
C ILE A 37 -2.27 16.53 14.40
N PRO A 38 -2.46 15.75 13.33
CA PRO A 38 -2.37 16.28 11.96
C PRO A 38 -3.42 17.35 11.70
N ILE A 39 -3.11 18.27 10.80
CA ILE A 39 -3.97 19.41 10.51
C ILE A 39 -4.94 19.12 9.37
N GLU A 40 -6.23 19.00 9.71
CA GLU A 40 -7.27 18.79 8.72
C GLU A 40 -7.49 20.07 7.91
N PRO A 41 -7.98 19.94 6.67
CA PRO A 41 -8.38 21.14 5.94
C PRO A 41 -9.74 21.62 6.43
N LYS A 42 -9.92 22.93 6.60
CA LYS A 42 -11.20 23.43 7.06
C LYS A 42 -12.11 23.71 5.88
N LYS A 43 -13.40 23.38 6.05
CA LYS A 43 -14.37 23.40 4.97
C LYS A 43 -14.51 24.74 4.25
N ASP A 44 -14.57 25.82 5.02
CA ASP A 44 -14.89 27.14 4.45
C ASP A 44 -13.85 27.65 3.46
N ASP A 45 -12.60 27.21 3.60
CA ASP A 45 -11.54 27.67 2.73
C ASP A 45 -11.52 26.88 1.43
N ILE A 46 -11.85 25.60 1.53
CA ILE A 46 -12.02 24.78 0.35
C ILE A 46 -13.16 25.36 -0.48
N ILE A 47 -14.24 25.73 0.20
CA ILE A 47 -15.44 26.25 -0.45
C ILE A 47 -15.21 27.61 -1.11
N HIS A 48 -14.58 28.53 -0.39
CA HIS A 48 -14.36 29.87 -0.93
C HIS A 48 -13.29 29.88 -2.03
N SER A 49 -12.45 28.85 -2.05
CA SER A 49 -11.48 28.70 -3.12
C SER A 49 -12.18 28.28 -4.41
N LEU A 50 -13.33 27.64 -4.25
CA LEU A 50 -14.11 27.19 -5.38
C LEU A 50 -14.77 28.33 -6.09
N SER A 51 -14.88 28.18 -7.40
CA SER A 51 -15.66 29.11 -8.18
C SER A 51 -17.08 28.59 -8.21
N GLN A 52 -17.96 29.43 -8.72
CA GLN A 52 -19.39 29.33 -8.49
C GLN A 52 -19.95 28.39 -9.55
N GLU A 53 -19.12 28.13 -10.57
CA GLU A 53 -19.32 27.04 -11.53
C GLU A 53 -18.78 25.72 -10.95
N GLU A 54 -17.76 25.81 -10.11
CA GLU A 54 -17.24 24.61 -9.43
C GLU A 54 -18.11 24.24 -8.22
N LYS A 55 -18.59 25.26 -7.51
CA LYS A 55 -19.51 25.03 -6.40
C LYS A 55 -20.76 24.33 -6.86
N GLU A 56 -21.41 24.89 -7.88
CA GLU A 56 -22.64 24.34 -8.43
C GLU A 56 -22.42 22.92 -8.91
N LEU A 57 -21.22 22.66 -9.44
CA LEU A 57 -20.87 21.31 -9.88
C LEU A 57 -20.81 20.35 -8.70
N LEU A 58 -20.10 20.77 -7.65
CA LEU A 58 -19.83 19.91 -6.50
C LEU A 58 -21.08 19.39 -5.79
N LYS A 59 -22.10 20.22 -5.67
CA LYS A 59 -23.28 19.80 -4.91
C LYS A 59 -24.23 18.94 -5.72
N ARG A 60 -24.13 19.03 -7.05
CA ARG A 60 -24.95 18.17 -7.90
C ARG A 60 -24.30 16.80 -8.11
N ILE A 61 -23.12 16.62 -7.53
CA ILE A 61 -22.38 15.37 -7.69
C ILE A 61 -22.76 14.32 -6.63
N GLN A 62 -23.17 13.15 -7.12
CA GLN A 62 -23.34 11.99 -6.25
C GLN A 62 -21.96 11.45 -5.93
N ILE A 63 -21.68 11.23 -4.64
CA ILE A 63 -20.30 11.09 -4.19
C ILE A 63 -19.89 9.69 -3.70
N ASP A 64 -20.78 8.99 -3.01
CA ASP A 64 -20.49 7.61 -2.59
C ASP A 64 -20.20 6.71 -3.78
N SER A 65 -20.68 7.14 -4.95
CA SER A 65 -20.52 6.38 -6.17
C SER A 65 -19.06 6.28 -6.58
N SER A 66 -18.29 7.31 -6.27
CA SER A 66 -16.89 7.41 -6.71
C SER A 66 -16.05 6.19 -6.33
N ASP A 67 -15.25 5.73 -7.27
CA ASP A 67 -14.46 4.51 -7.10
C ASP A 67 -13.13 4.76 -6.39
N PHE A 68 -12.59 5.97 -6.53
CA PHE A 68 -11.23 6.23 -6.09
C PHE A 68 -11.09 7.18 -4.90
N LEU A 69 -12.15 7.33 -4.12
CA LEU A 69 -12.09 8.18 -2.93
C LEU A 69 -12.28 7.36 -1.67
N SER A 70 -11.39 7.54 -0.70
CA SER A 70 -11.50 6.82 0.57
C SER A 70 -12.73 7.30 1.33
N THR A 71 -13.23 6.48 2.24
CA THR A 71 -14.46 6.77 2.96
C THR A 71 -14.36 8.06 3.78
N GLU A 72 -13.15 8.41 4.19
CA GLU A 72 -12.95 9.67 4.91
C GLU A 72 -13.00 10.85 3.93
N GLU A 73 -12.47 10.64 2.73
CA GLU A 73 -12.50 11.68 1.70
C GLU A 73 -13.91 11.89 1.19
N LYS A 74 -14.69 10.80 1.14
CA LYS A 74 -16.09 10.89 0.73
C LYS A 74 -16.89 11.69 1.75
N GLU A 75 -16.80 11.31 3.02
CA GLU A 75 -17.52 11.98 4.08
C GLU A 75 -17.21 13.47 4.16
N PHE A 76 -15.94 13.82 3.95
CA PHE A 76 -15.51 15.21 4.02
C PHE A 76 -16.16 16.07 2.94
N LEU A 77 -16.17 15.57 1.71
CA LEU A 77 -16.74 16.32 0.61
C LEU A 77 -18.26 16.40 0.71
N LYS A 78 -18.86 15.44 1.41
CA LYS A 78 -20.31 15.48 1.66
C LYS A 78 -20.65 16.67 2.55
N LYS A 79 -19.78 16.93 3.51
CA LYS A 79 -19.96 18.02 4.45
C LYS A 79 -19.73 19.35 3.75
N LEU A 80 -18.98 19.30 2.66
CA LEU A 80 -18.80 20.48 1.82
C LEU A 80 -20.10 20.74 1.06
N GLN A 81 -20.71 19.68 0.57
CA GLN A 81 -22.01 19.78 -0.10
C GLN A 81 -23.05 20.33 0.87
N ILE A 82 -22.93 19.94 2.13
CA ILE A 82 -23.88 20.36 3.16
C ILE A 82 -23.82 21.87 3.39
N ASP A 83 -22.62 22.44 3.28
CA ASP A 83 -22.43 23.86 3.60
C ASP A 83 -22.78 24.74 2.40
N ILE A 84 -22.51 24.24 1.20
CA ILE A 84 -22.80 24.99 -0.02
C ILE A 84 -24.31 25.12 -0.22
N GLU A 109 -20.54 10.91 -13.18
CA GLU A 109 -19.20 10.87 -13.77
C GLU A 109 -19.05 11.94 -14.85
N LYS A 110 -18.04 11.75 -15.72
CA LYS A 110 -17.53 12.76 -16.67
C LYS A 110 -16.55 13.70 -15.96
N GLU A 111 -17.00 14.32 -14.87
CA GLU A 111 -16.12 15.18 -14.11
C GLU A 111 -15.54 14.48 -12.88
N LYS A 112 -15.06 13.26 -13.10
CA LYS A 112 -14.10 12.64 -12.19
C LYS A 112 -12.88 13.52 -12.22
N GLU A 113 -12.70 14.16 -13.38
CA GLU A 113 -11.76 15.25 -13.59
C GLU A 113 -11.67 16.21 -12.42
N PHE A 114 -12.83 16.52 -11.85
CA PHE A 114 -12.96 17.50 -10.77
C PHE A 114 -12.59 16.89 -9.42
N LEU A 115 -13.11 15.69 -9.16
CA LEU A 115 -12.86 15.00 -7.90
C LEU A 115 -11.41 14.53 -7.77
N LYS A 116 -10.73 14.34 -8.90
CA LYS A 116 -9.32 13.94 -8.82
C LYS A 116 -8.41 15.10 -8.47
N LYS A 117 -8.83 16.31 -8.81
CA LYS A 117 -7.99 17.46 -8.59
C LYS A 117 -8.25 17.90 -7.18
N LEU A 118 -9.51 17.80 -6.78
CA LEU A 118 -9.95 18.22 -5.46
C LEU A 118 -9.46 17.27 -4.38
N LYS A 119 -9.20 16.02 -4.77
CA LYS A 119 -8.73 15.01 -3.82
C LYS A 119 -7.41 15.42 -3.18
N LEU A 120 -6.59 16.13 -3.95
CA LEU A 120 -5.27 16.56 -3.50
C LEU A 120 -5.34 17.64 -2.42
N ASP A 121 -6.36 18.50 -2.51
CA ASP A 121 -6.45 19.67 -1.64
C ASP A 121 -7.24 19.41 -0.36
N ILE A 122 -7.57 18.15 -0.10
CA ILE A 122 -8.31 17.82 1.13
C ILE A 122 -7.53 16.87 2.03
N GLN A 123 -6.25 16.66 1.70
CA GLN A 123 -5.39 15.82 2.52
C GLN A 123 -4.89 16.58 3.74
N PRO A 124 -5.02 15.96 4.93
CA PRO A 124 -4.51 16.58 6.16
C PRO A 124 -3.00 16.71 6.14
N TYR A 125 -2.45 17.68 6.85
CA TYR A 125 -1.00 17.74 6.99
C TYR A 125 -0.60 16.74 8.07
N ASP A 126 -0.16 15.56 7.62
CA ASP A 126 0.09 14.43 8.51
C ASP A 126 1.51 13.91 8.30
N ILE A 127 2.42 14.29 9.20
CA ILE A 127 3.83 13.96 9.05
C ILE A 127 4.11 12.46 9.10
N ASN A 128 3.50 11.76 10.05
CA ASN A 128 3.70 10.32 10.17
C ASN A 128 3.12 9.54 8.99
N GLN A 129 2.04 10.06 8.41
CA GLN A 129 1.41 9.41 7.28
C GLN A 129 2.22 9.61 5.99
N ARG A 130 2.84 10.77 5.86
CA ARG A 130 3.70 11.07 4.71
C ARG A 130 4.89 10.12 4.71
N LEU A 131 5.50 9.94 5.87
CA LEU A 131 6.64 9.04 6.02
C LEU A 131 6.27 7.60 5.72
N GLN A 132 5.10 7.17 6.19
CA GLN A 132 4.64 5.81 5.93
C GLN A 132 4.31 5.60 4.46
N ASP A 133 3.57 6.55 3.89
CA ASP A 133 3.17 6.46 2.47
C ASP A 133 4.38 6.42 1.54
N THR A 134 5.44 7.13 1.92
CA THR A 134 6.63 7.22 1.08
C THR A 134 7.72 6.25 1.50
N GLY A 135 7.58 5.65 2.68
CA GLY A 135 8.60 4.80 3.22
C GLY A 135 9.89 5.56 3.50
N GLY A 136 9.74 6.87 3.73
CA GLY A 136 10.89 7.72 4.02
C GLY A 136 11.46 8.39 2.78
N LEU A 137 10.95 8.02 1.61
CA LEU A 137 11.37 8.64 0.35
C LEU A 137 10.57 9.92 0.13
N ILE A 138 10.84 10.91 0.97
CA ILE A 138 9.99 12.10 1.05
C ILE A 138 10.16 13.07 -0.13
N ASP A 139 11.12 12.81 -1.00
CA ASP A 139 11.29 13.60 -2.22
C ASP A 139 10.36 13.14 -3.34
N SER A 140 9.65 12.03 -3.13
CA SER A 140 8.71 11.50 -4.13
C SER A 140 7.66 12.53 -4.50
N PRO A 141 7.58 12.89 -5.79
CA PRO A 141 6.69 13.95 -6.26
C PRO A 141 5.22 13.51 -6.32
N SER A 142 4.67 13.08 -5.19
CA SER A 142 3.31 12.58 -5.13
C SER A 142 2.37 13.51 -4.38
N ILE A 143 2.92 14.63 -3.91
CA ILE A 143 2.12 15.71 -3.33
C ILE A 143 2.65 17.03 -3.85
N ASN A 144 1.92 18.12 -3.64
CA ASN A 144 2.37 19.41 -4.14
C ASN A 144 3.74 19.79 -3.61
N LEU A 145 4.44 20.60 -4.41
CA LEU A 145 5.81 21.01 -4.09
C LEU A 145 5.90 21.70 -2.73
N ASP A 146 5.00 22.63 -2.48
CA ASP A 146 5.10 23.46 -1.29
C ASP A 146 4.98 22.64 -0.01
N VAL A 147 3.98 21.76 0.05
CA VAL A 147 3.81 20.94 1.24
C VAL A 147 4.91 19.87 1.32
N ARG A 148 5.38 19.43 0.16
CA ARG A 148 6.44 18.43 0.07
C ARG A 148 7.71 18.95 0.74
N LYS A 149 8.01 20.23 0.53
CA LYS A 149 9.21 20.84 1.11
C LYS A 149 9.01 21.12 2.60
N GLN A 150 7.78 21.42 3.00
CA GLN A 150 7.48 21.66 4.41
C GLN A 150 7.64 20.37 5.21
N TYR A 151 7.18 19.26 4.62
CA TYR A 151 7.34 17.95 5.24
C TYR A 151 8.81 17.65 5.49
N LYS A 152 9.67 17.96 4.51
CA LYS A 152 11.09 17.74 4.65
C LYS A 152 11.68 18.53 5.82
N ARG A 153 11.32 19.80 5.91
CA ARG A 153 11.82 20.67 6.96
C ARG A 153 11.40 20.18 8.35
N ASP A 154 10.13 19.81 8.49
CA ASP A 154 9.61 19.30 9.75
C ASP A 154 10.29 18.02 10.18
N ILE A 155 10.42 17.08 9.24
CA ILE A 155 11.04 15.79 9.51
C ILE A 155 12.49 15.96 9.96
N GLN A 156 13.22 16.84 9.29
CA GLN A 156 14.60 17.09 9.65
C GLN A 156 14.70 17.76 11.02
N ASN A 157 13.73 18.59 11.35
CA ASN A 157 13.71 19.23 12.66
C ASN A 157 13.40 18.24 13.78
N ILE A 158 12.50 17.30 13.51
CA ILE A 158 12.13 16.29 14.49
C ILE A 158 13.29 15.31 14.72
N ASP A 159 13.99 14.96 13.65
CA ASP A 159 15.16 14.08 13.76
C ASP A 159 16.20 14.69 14.69
N ALA A 160 16.32 16.02 14.65
CA ALA A 160 17.27 16.73 15.50
C ALA A 160 16.82 16.78 16.95
N LEU A 161 15.51 16.80 17.16
CA LEU A 161 14.93 16.79 18.51
C LEU A 161 15.20 15.46 19.20
N LEU A 162 14.96 14.37 18.48
CA LEU A 162 15.11 13.03 19.04
C LEU A 162 16.57 12.59 19.00
N HIS A 163 17.38 13.14 19.90
CA HIS A 163 18.81 12.85 19.92
C HIS A 163 19.21 12.01 21.12
N GLN A 164 18.38 12.00 22.16
CA GLN A 164 18.72 11.28 23.39
C GLN A 164 18.17 9.87 23.39
N SER A 165 19.07 8.89 23.46
CA SER A 165 18.69 7.48 23.50
C SER A 165 18.12 7.11 24.86
N ILE A 166 17.33 6.04 24.89
CA ILE A 166 16.74 5.56 26.14
C ILE A 166 17.84 5.10 27.08
N GLY A 167 18.92 4.58 26.52
CA GLY A 167 20.12 4.30 27.29
C GLY A 167 20.16 2.98 28.03
N SER A 168 21.33 2.68 28.60
CA SER A 168 21.58 1.40 29.25
C SER A 168 20.88 1.25 30.60
N THR A 169 20.45 2.37 31.19
CA THR A 169 19.84 2.32 32.52
C THR A 169 18.34 1.98 32.47
N LEU A 170 17.76 1.95 31.27
CA LEU A 170 16.31 1.83 31.16
C LEU A 170 15.80 0.96 30.01
N TYR A 171 16.65 0.63 29.05
CA TYR A 171 16.19 -0.06 27.83
C TYR A 171 15.63 -1.45 28.14
N ASN A 172 16.25 -2.14 29.09
CA ASN A 172 15.84 -3.50 29.45
C ASN A 172 14.99 -3.52 30.71
N LYS A 173 14.57 -2.35 31.16
CA LYS A 173 13.77 -2.22 32.37
C LYS A 173 12.34 -1.81 32.05
N ILE A 174 12.08 -1.54 30.77
CA ILE A 174 10.75 -1.14 30.33
C ILE A 174 10.31 -1.83 29.04
N TYR A 175 9.00 -1.91 28.85
CA TYR A 175 8.44 -2.35 27.58
C TYR A 175 7.64 -1.20 26.98
N LEU A 176 7.65 -1.10 25.66
CA LEU A 176 6.86 -0.08 24.98
C LEU A 176 5.71 -0.74 24.23
N TYR A 177 4.52 -0.16 24.37
CA TYR A 177 3.30 -0.77 23.87
C TYR A 177 2.62 0.07 22.80
N GLU A 178 2.12 -0.60 21.77
CA GLU A 178 1.38 0.08 20.70
C GLU A 178 0.24 -0.81 20.21
N ASN A 179 -0.96 -0.27 20.24
CA ASN A 179 -2.12 -0.96 19.69
C ASN A 179 -2.24 -0.61 18.21
N MET A 180 -2.65 -1.58 17.41
CA MET A 180 -2.65 -1.40 15.97
C MET A 180 -3.81 -2.11 15.29
N ASN A 181 -4.37 -1.45 14.28
CA ASN A 181 -5.38 -2.05 13.42
C ASN A 181 -4.72 -2.99 12.41
N ILE A 182 -5.24 -4.21 12.30
CA ILE A 182 -4.71 -5.21 11.38
C ILE A 182 -4.70 -4.71 9.93
N ASN A 183 -5.63 -3.82 9.59
CA ASN A 183 -5.73 -3.26 8.24
C ASN A 183 -4.50 -2.46 7.84
N ASN A 184 -3.77 -1.94 8.84
CA ASN A 184 -2.53 -1.23 8.60
C ASN A 184 -1.45 -2.16 8.04
N LEU A 185 -1.51 -3.43 8.42
CA LEU A 185 -0.52 -4.42 7.96
C LEU A 185 -1.03 -5.22 6.76
N THR A 186 -2.23 -5.78 6.89
CA THR A 186 -2.84 -6.55 5.82
C THR A 186 -4.37 -6.43 5.86
N ALA A 187 -4.91 -5.62 4.94
CA ALA A 187 -6.36 -5.40 4.90
C ALA A 187 -7.08 -6.61 4.31
N THR A 188 -6.34 -7.47 3.61
CA THR A 188 -6.91 -8.67 3.03
C THR A 188 -7.24 -9.68 4.12
N LEU A 189 -6.26 -9.97 4.97
CA LEU A 189 -6.46 -10.85 6.11
C LEU A 189 -7.34 -10.18 7.16
N GLY A 190 -7.26 -8.85 7.22
CA GLY A 190 -8.02 -8.08 8.19
C GLY A 190 -9.53 -8.22 8.05
N ALA A 191 -9.98 -8.50 6.84
CA ALA A 191 -11.40 -8.66 6.58
C ALA A 191 -12.00 -9.87 7.29
N ASP A 192 -11.16 -10.86 7.58
CA ASP A 192 -11.66 -12.11 8.17
C ASP A 192 -10.96 -12.49 9.46
N LEU A 193 -10.15 -11.57 10.00
CA LEU A 193 -9.39 -11.85 11.21
C LEU A 193 -10.30 -12.13 12.41
N VAL A 194 -11.35 -11.32 12.53
CA VAL A 194 -12.31 -11.48 13.61
C VAL A 194 -13.31 -12.60 13.27
N ASP A 195 -13.51 -13.50 14.23
CA ASP A 195 -14.46 -14.61 14.08
C ASP A 195 -15.86 -14.06 13.82
N SER A 196 -16.45 -14.43 12.69
CA SER A 196 -17.77 -13.94 12.30
C SER A 196 -18.88 -14.56 13.13
N THR A 197 -18.58 -15.66 13.82
CA THR A 197 -19.55 -16.32 14.67
C THR A 197 -19.51 -15.77 16.10
N ASP A 198 -18.42 -15.07 16.41
CA ASP A 198 -18.21 -14.48 17.73
C ASP A 198 -17.09 -13.44 17.65
N ASN A 199 -17.46 -12.16 17.76
CA ASN A 199 -16.48 -11.09 17.54
C ASN A 199 -15.51 -10.88 18.71
N THR A 200 -15.67 -11.68 19.76
CA THR A 200 -14.72 -11.65 20.87
C THR A 200 -13.56 -12.60 20.59
N LYS A 201 -13.65 -13.30 19.46
CA LYS A 201 -12.68 -14.34 19.12
C LYS A 201 -11.88 -14.00 17.86
N ILE A 202 -10.66 -14.53 17.80
CA ILE A 202 -9.82 -14.42 16.61
C ILE A 202 -9.97 -15.67 15.75
N ASN A 203 -10.17 -15.48 14.45
CA ASN A 203 -10.20 -16.60 13.52
C ASN A 203 -8.85 -17.30 13.50
N ARG A 204 -8.79 -18.50 14.07
CA ARG A 204 -7.54 -19.23 14.24
C ARG A 204 -6.83 -19.51 12.91
N GLY A 205 -7.61 -19.79 11.86
CA GLY A 205 -7.06 -20.05 10.55
C GLY A 205 -6.39 -18.82 9.95
N ILE A 206 -7.09 -17.68 10.04
CA ILE A 206 -6.57 -16.43 9.54
C ILE A 206 -5.38 -15.97 10.39
N PHE A 207 -5.42 -16.29 11.68
CA PHE A 207 -4.31 -15.97 12.58
C PHE A 207 -3.01 -16.61 12.11
N ASN A 208 -3.08 -17.90 11.76
CA ASN A 208 -1.91 -18.62 11.28
C ASN A 208 -1.31 -18.00 10.02
N GLU A 209 -2.18 -17.55 9.12
CA GLU A 209 -1.76 -16.90 7.88
C GLU A 209 -1.01 -15.59 8.15
N PHE A 210 -1.50 -14.83 9.12
CA PHE A 210 -0.88 -13.57 9.50
C PHE A 210 0.49 -13.78 10.15
N LYS A 211 0.61 -14.85 10.92
CA LYS A 211 1.80 -15.13 11.73
C LYS A 211 2.89 -15.85 10.93
N LYS A 212 2.47 -16.61 9.93
CA LYS A 212 3.35 -17.55 9.20
C LYS A 212 4.66 -16.95 8.69
N ASN A 213 4.60 -15.77 8.07
CA ASN A 213 5.79 -15.16 7.49
C ASN A 213 6.12 -13.80 8.07
N PHE A 214 5.77 -13.61 9.35
CA PHE A 214 6.04 -12.34 10.03
C PHE A 214 7.29 -12.46 10.90
N LYS A 215 8.46 -12.19 10.29
CA LYS A 215 9.73 -12.37 11.00
C LYS A 215 10.39 -11.04 11.35
N TYR A 216 10.21 -10.03 10.50
CA TYR A 216 10.78 -8.72 10.78
C TYR A 216 9.87 -7.58 10.32
N SER A 217 10.17 -6.38 10.80
CA SER A 217 9.28 -5.24 10.67
C SER A 217 10.06 -3.93 10.64
N ILE A 218 9.65 -3.00 9.78
CA ILE A 218 10.33 -1.71 9.67
C ILE A 218 9.40 -0.55 10.02
N SER A 219 9.93 0.42 10.78
CA SER A 219 9.20 1.65 11.05
C SER A 219 9.86 2.84 10.37
N SER A 220 9.22 3.35 9.33
CA SER A 220 9.76 4.48 8.57
C SER A 220 9.25 5.81 9.10
N ASN A 221 8.33 5.76 10.05
CA ASN A 221 7.87 6.97 10.73
C ASN A 221 8.13 6.91 12.23
N TYR A 222 7.67 7.92 12.95
CA TYR A 222 7.91 8.02 14.39
C TYR A 222 6.85 7.27 15.19
N MET A 223 7.21 6.09 15.67
CA MET A 223 6.29 5.31 16.50
C MET A 223 5.94 6.05 17.78
N ILE A 224 4.64 6.16 18.04
CA ILE A 224 4.14 6.74 19.28
C ILE A 224 3.63 5.62 20.19
N VAL A 225 4.43 5.29 21.21
CA VAL A 225 4.16 4.13 22.04
C VAL A 225 3.98 4.50 23.51
N ASP A 226 3.41 3.59 24.29
CA ASP A 226 3.18 3.83 25.71
C ASP A 226 4.12 3.02 26.60
N ILE A 227 4.41 3.56 27.78
CA ILE A 227 5.27 2.89 28.76
C ILE A 227 4.51 1.71 29.38
N ASN A 228 3.21 1.87 29.51
CA ASN A 228 2.34 0.81 30.02
C ASN A 228 1.27 0.47 28.99
N GLU A 229 0.75 -0.75 29.07
CA GLU A 229 -0.22 -1.24 28.11
C GLU A 229 -1.56 -0.52 28.26
N ARG A 230 -2.17 -0.18 27.13
CA ARG A 230 -3.44 0.52 27.15
C ARG A 230 -4.52 -0.27 26.41
N PRO A 231 -5.77 -0.15 26.87
CA PRO A 231 -6.92 -0.82 26.24
C PRO A 231 -7.04 -0.45 24.77
N ALA A 232 -7.30 -1.46 23.93
CA ALA A 232 -7.43 -1.23 22.49
C ALA A 232 -8.71 -0.46 22.19
N LEU A 233 -8.65 0.41 21.19
CA LEU A 233 -9.82 1.15 20.76
C LEU A 233 -10.56 0.38 19.68
N ASP A 234 -11.40 1.07 18.92
CA ASP A 234 -12.27 0.38 17.97
C ASP A 234 -11.47 -0.29 16.85
N ASN A 235 -11.87 -1.52 16.54
CA ASN A 235 -11.15 -2.46 15.67
C ASN A 235 -9.62 -2.35 15.72
N GLU A 236 -9.09 -2.36 16.94
CA GLU A 236 -7.67 -2.61 17.16
C GLU A 236 -7.54 -3.96 17.86
N ARG A 237 -7.01 -4.96 17.15
CA ARG A 237 -6.89 -6.30 17.72
C ARG A 237 -5.42 -6.71 17.89
N LEU A 238 -4.51 -5.90 17.36
CA LEU A 238 -3.08 -6.16 17.52
C LEU A 238 -2.52 -5.31 18.66
N LYS A 239 -1.81 -5.96 19.58
CA LYS A 239 -1.22 -5.25 20.71
C LYS A 239 0.28 -5.54 20.80
N TRP A 240 1.08 -4.62 20.28
CA TRP A 240 2.53 -4.79 20.25
C TRP A 240 3.17 -4.64 21.62
N ARG A 241 4.15 -5.48 21.89
CA ARG A 241 5.02 -5.31 23.05
C ARG A 241 6.46 -5.25 22.55
N ILE A 242 7.10 -4.11 22.76
CA ILE A 242 8.39 -3.82 22.13
C ILE A 242 9.48 -3.53 23.15
N GLN A 243 10.65 -4.16 22.97
CA GLN A 243 11.81 -3.78 23.75
C GLN A 243 12.79 -2.99 22.90
N LEU A 244 13.19 -1.83 23.40
CA LEU A 244 14.13 -0.96 22.69
C LEU A 244 15.56 -1.44 22.86
N SER A 245 16.45 -0.92 22.03
CA SER A 245 17.88 -1.14 22.21
C SER A 245 18.45 0.05 22.98
N PRO A 246 19.62 -0.12 23.62
CA PRO A 246 20.23 0.97 24.39
C PRO A 246 20.40 2.25 23.57
N ASP A 247 20.69 2.11 22.28
CA ASP A 247 20.99 3.25 21.42
C ASP A 247 19.76 3.84 20.75
N THR A 248 18.60 3.23 20.99
CA THR A 248 17.37 3.71 20.36
C THR A 248 16.99 5.09 20.90
N ARG A 249 16.92 6.06 20.00
CA ARG A 249 16.61 7.43 20.40
C ARG A 249 15.12 7.66 20.52
N ALA A 250 14.73 8.45 21.51
CA ALA A 250 13.33 8.71 21.77
C ALA A 250 13.13 10.04 22.49
N GLY A 251 11.87 10.46 22.60
CA GLY A 251 11.53 11.64 23.38
C GLY A 251 10.30 11.37 24.21
N TYR A 252 10.21 12.00 25.38
CA TYR A 252 9.06 11.82 26.25
C TYR A 252 7.94 12.78 25.87
N LEU A 253 6.72 12.26 25.75
CA LEU A 253 5.58 13.05 25.31
C LEU A 253 4.55 13.25 26.41
N GLU A 254 4.98 13.06 27.64
CA GLU A 254 4.12 13.15 28.84
C GLU A 254 3.04 12.07 28.83
N ASN A 255 2.35 11.95 29.97
CA ASN A 255 1.26 10.98 30.14
C ASN A 255 1.69 9.54 29.86
N GLY A 256 2.92 9.21 30.21
CA GLY A 256 3.45 7.86 30.04
C GLY A 256 3.53 7.43 28.59
N LYS A 257 3.97 8.34 27.73
CA LYS A 257 4.02 8.09 26.31
C LYS A 257 5.38 8.48 25.73
N LEU A 258 5.89 7.66 24.82
CA LEU A 258 7.15 7.95 24.15
C LEU A 258 6.96 8.12 22.65
N ILE A 259 7.90 8.82 22.03
CA ILE A 259 7.98 8.88 20.58
C ILE A 259 9.35 8.38 20.13
N LEU A 260 9.35 7.44 19.20
CA LEU A 260 10.59 6.83 18.77
C LEU A 260 11.15 7.48 17.51
N GLN A 261 12.47 7.45 17.37
CA GLN A 261 13.13 7.85 16.14
C GLN A 261 12.60 7.02 14.97
N ARG A 262 12.58 7.61 13.79
CA ARG A 262 12.17 6.87 12.60
C ARG A 262 13.30 5.97 12.12
N ASN A 263 13.03 5.17 11.09
CA ASN A 263 14.01 4.26 10.50
C ASN A 263 14.64 3.31 11.51
N ILE A 264 13.80 2.53 12.19
CA ILE A 264 14.30 1.50 13.09
C ILE A 264 13.79 0.13 12.64
N GLY A 265 14.61 -0.88 12.80
CA GLY A 265 14.24 -2.24 12.48
C GLY A 265 13.63 -2.94 13.67
N LEU A 266 12.73 -3.87 13.41
CA LEU A 266 12.12 -4.68 14.45
C LEU A 266 12.15 -6.14 14.09
N GLU A 267 12.65 -6.97 15.00
CA GLU A 267 12.61 -8.41 14.82
C GLU A 267 11.44 -8.98 15.61
N ILE A 268 10.58 -9.72 14.92
CA ILE A 268 9.43 -10.33 15.58
C ILE A 268 9.90 -11.56 16.36
N LYS A 269 9.72 -11.50 17.68
CA LYS A 269 10.17 -12.57 18.56
C LYS A 269 9.07 -13.58 18.84
N ASP A 270 7.81 -13.11 18.81
CA ASP A 270 6.69 -13.96 19.15
C ASP A 270 5.35 -13.34 18.72
N VAL A 271 4.45 -14.19 18.22
CA VAL A 271 3.10 -13.76 17.88
C VAL A 271 2.11 -14.75 18.47
N GLN A 272 1.28 -14.29 19.40
CA GLN A 272 0.38 -15.19 20.12
C GLN A 272 -1.01 -14.59 20.28
N ILE A 273 -2.00 -15.45 20.42
CA ILE A 273 -3.34 -15.02 20.76
C ILE A 273 -3.50 -14.96 22.27
N ILE A 274 -3.87 -13.79 22.77
CA ILE A 274 -4.06 -13.59 24.20
C ILE A 274 -5.48 -13.12 24.47
N LYS A 275 -5.89 -13.14 25.73
CA LYS A 275 -7.23 -12.72 26.10
C LYS A 275 -7.22 -11.65 27.19
N GLN A 276 -7.82 -10.52 26.89
CA GLN A 276 -7.99 -9.45 27.87
C GLN A 276 -9.46 -9.07 27.94
N SER A 277 -10.03 -9.14 29.13
CA SER A 277 -11.45 -8.86 29.36
C SER A 277 -12.35 -9.65 28.44
N GLU A 278 -12.19 -10.97 28.45
CA GLU A 278 -13.06 -11.86 27.71
C GLU A 278 -13.10 -11.55 26.20
N LYS A 279 -12.06 -10.88 25.71
CA LYS A 279 -11.92 -10.61 24.28
C LYS A 279 -10.52 -11.00 23.82
N GLU A 280 -10.42 -11.64 22.65
CA GLU A 280 -9.14 -12.13 22.15
C GLU A 280 -8.40 -11.07 21.35
N TYR A 281 -7.09 -10.97 21.60
CA TYR A 281 -6.21 -10.07 20.87
C TYR A 281 -5.01 -10.84 20.35
N ILE A 282 -4.20 -10.16 19.53
CA ILE A 282 -2.94 -10.74 19.07
C ILE A 282 -1.76 -9.98 19.64
N ARG A 283 -1.00 -10.65 20.51
CA ARG A 283 0.21 -10.07 21.04
C ARG A 283 1.36 -10.21 20.06
N ILE A 284 2.03 -9.11 19.77
CA ILE A 284 3.22 -9.13 18.94
C ILE A 284 4.43 -8.67 19.75
N ASP A 285 5.28 -9.62 20.12
CA ASP A 285 6.53 -9.31 20.81
C ASP A 285 7.61 -9.02 19.79
N ALA A 286 8.21 -7.83 19.87
CA ALA A 286 9.23 -7.44 18.90
C ALA A 286 10.42 -6.77 19.57
N LYS A 287 11.60 -6.94 18.99
CA LYS A 287 12.82 -6.33 19.51
C LYS A 287 13.44 -5.39 18.50
N VAL A 288 13.84 -4.21 18.95
CA VAL A 288 14.49 -3.23 18.08
C VAL A 288 15.87 -3.70 17.65
N VAL A 289 16.15 -3.62 16.36
CA VAL A 289 17.44 -3.95 15.79
C VAL A 289 17.82 -2.87 14.78
N PRO A 290 19.09 -2.79 14.37
CA PRO A 290 19.44 -1.84 13.31
C PRO A 290 18.66 -2.10 12.03
N LYS A 291 18.10 -1.06 11.44
CA LYS A 291 17.29 -1.17 10.24
C LYS A 291 18.11 -1.73 9.08
N SER A 292 19.40 -1.45 9.09
CA SER A 292 20.30 -1.93 8.04
C SER A 292 20.37 -3.45 8.05
N LYS A 293 20.19 -4.05 9.22
CA LYS A 293 20.19 -5.49 9.35
C LYS A 293 19.00 -6.09 8.62
N ILE A 294 17.86 -5.41 8.73
CA ILE A 294 16.63 -5.83 8.07
C ILE A 294 16.72 -5.60 6.56
N ASP A 295 17.26 -4.45 6.17
CA ASP A 295 17.42 -4.12 4.77
C ASP A 295 18.34 -5.10 4.05
N THR A 296 19.32 -5.63 4.78
CA THR A 296 20.23 -6.62 4.22
C THR A 296 19.49 -7.89 3.85
N LYS A 297 18.59 -8.34 4.72
CA LYS A 297 17.79 -9.53 4.44
C LYS A 297 16.89 -9.34 3.22
N ILE A 298 16.32 -8.15 3.09
CA ILE A 298 15.45 -7.84 1.96
C ILE A 298 16.23 -7.85 0.65
N GLN A 299 17.43 -7.27 0.67
CA GLN A 299 18.31 -7.25 -0.49
C GLN A 299 18.77 -8.65 -0.87
N GLU A 300 19.05 -9.47 0.13
CA GLU A 300 19.42 -10.87 -0.09
C GLU A 300 18.26 -11.63 -0.71
N ALA A 301 17.05 -11.31 -0.25
CA ALA A 301 15.84 -11.96 -0.76
C ALA A 301 15.57 -11.54 -2.21
N GLN A 302 15.89 -10.30 -2.53
CA GLN A 302 15.69 -9.80 -3.89
C GLN A 302 16.61 -10.51 -4.87
N LEU A 303 17.86 -10.71 -4.47
CA LEU A 303 18.83 -11.45 -5.29
C LEU A 303 18.36 -12.88 -5.49
N ASN A 304 17.85 -13.49 -4.42
CA ASN A 304 17.41 -14.89 -4.47
C ASN A 304 16.21 -15.11 -5.38
N ILE A 305 15.21 -14.24 -5.27
CA ILE A 305 13.99 -14.42 -6.05
C ILE A 305 14.26 -14.15 -7.54
N ASN A 306 15.20 -13.27 -7.83
CA ASN A 306 15.57 -12.96 -9.21
C ASN A 306 16.35 -14.09 -9.86
N GLN A 307 17.34 -14.62 -9.15
CA GLN A 307 18.14 -15.72 -9.66
C GLN A 307 17.26 -16.95 -9.88
N GLU A 308 16.29 -17.13 -8.99
CA GLU A 308 15.38 -18.26 -9.07
C GLU A 308 14.39 -18.11 -10.23
N TRP A 309 13.92 -16.89 -10.47
CA TRP A 309 12.89 -16.69 -11.48
C TRP A 309 13.44 -16.39 -12.86
N ASN A 310 14.68 -15.91 -12.94
CA ASN A 310 15.35 -15.80 -14.22
C ASN A 310 15.55 -17.19 -14.83
N LYS A 311 15.82 -18.16 -13.95
CA LYS A 311 16.03 -19.53 -14.38
C LYS A 311 14.73 -20.17 -14.85
N ALA A 312 13.65 -19.97 -14.08
CA ALA A 312 12.35 -20.55 -14.40
C ALA A 312 11.77 -19.99 -15.69
N LEU A 313 12.00 -18.71 -15.93
CA LEU A 313 11.44 -18.04 -17.11
C LEU A 313 12.40 -18.03 -18.29
N GLY A 314 13.60 -18.57 -18.06
CA GLY A 314 14.61 -18.62 -19.11
C GLY A 314 15.10 -17.24 -19.52
N LEU A 315 15.01 -16.28 -18.60
CA LEU A 315 15.54 -14.95 -18.84
C LEU A 315 17.05 -14.95 -18.70
N PRO A 316 17.74 -13.98 -19.35
CA PRO A 316 19.17 -13.80 -19.15
C PRO A 316 19.52 -13.74 -17.67
N LYS A 317 20.66 -14.33 -17.29
CA LYS A 317 20.99 -14.51 -15.87
C LYS A 317 21.24 -13.19 -15.14
N TYR A 318 21.47 -12.12 -15.90
CA TYR A 318 21.76 -10.82 -15.31
C TYR A 318 20.51 -9.93 -15.22
N THR A 319 19.36 -10.48 -15.60
CA THR A 319 18.12 -9.74 -15.60
C THR A 319 17.68 -9.35 -14.19
N LYS A 320 17.37 -8.07 -13.99
CA LYS A 320 16.76 -7.62 -12.75
C LYS A 320 15.28 -7.34 -13.01
N LEU A 321 14.42 -8.28 -12.65
CA LEU A 321 13.01 -8.19 -12.96
C LEU A 321 12.17 -7.87 -11.72
N ILE A 322 12.47 -8.53 -10.62
CA ILE A 322 11.71 -8.37 -9.38
C ILE A 322 12.39 -7.39 -8.44
N THR A 323 11.61 -6.45 -7.92
CA THR A 323 12.14 -5.42 -7.04
C THR A 323 11.31 -5.29 -5.77
N PHE A 324 12.00 -5.30 -4.63
CA PHE A 324 11.35 -5.11 -3.33
C PHE A 324 11.49 -3.65 -2.87
N ASN A 325 10.38 -2.95 -2.79
CA ASN A 325 10.37 -1.60 -2.23
C ASN A 325 9.64 -1.63 -0.89
N VAL A 326 10.36 -2.06 0.14
CA VAL A 326 9.77 -2.39 1.42
C VAL A 326 10.29 -1.50 2.55
N HIS A 327 9.38 -0.88 3.30
CA HIS A 327 9.76 0.13 4.28
C HIS A 327 8.87 0.16 5.52
N ASN A 328 7.87 -0.72 5.59
CA ASN A 328 6.88 -0.62 6.65
C ASN A 328 6.70 -1.88 7.49
N ARG A 329 5.70 -1.86 8.37
CA ARG A 329 5.65 -2.74 9.53
C ARG A 329 5.30 -4.20 9.26
N TYR A 330 4.83 -4.51 8.06
CA TYR A 330 4.55 -5.91 7.70
C TYR A 330 5.60 -6.40 6.72
N ALA A 331 6.81 -5.87 6.87
CA ALA A 331 7.90 -6.02 5.90
C ALA A 331 8.14 -7.45 5.39
N SER A 332 8.34 -8.39 6.30
CA SER A 332 8.74 -9.75 5.92
C SER A 332 7.68 -10.45 5.07
N ASN A 333 6.42 -10.11 5.29
CA ASN A 333 5.34 -10.74 4.54
C ASN A 333 5.28 -10.25 3.10
N ILE A 334 5.67 -9.00 2.88
CA ILE A 334 5.73 -8.44 1.54
C ILE A 334 6.70 -9.25 0.69
N VAL A 335 7.83 -9.60 1.28
CA VAL A 335 8.86 -10.37 0.60
C VAL A 335 8.42 -11.81 0.35
N GLU A 336 7.95 -12.46 1.41
CA GLU A 336 7.57 -13.87 1.33
C GLU A 336 6.37 -14.11 0.41
N SER A 337 5.40 -13.19 0.43
CA SER A 337 4.21 -13.37 -0.39
C SER A 337 4.50 -13.17 -1.87
N ALA A 338 5.61 -12.52 -2.19
CA ALA A 338 6.02 -12.33 -3.58
C ALA A 338 6.26 -13.68 -4.26
N TYR A 339 6.90 -14.59 -3.54
CA TYR A 339 7.16 -15.93 -4.03
C TYR A 339 5.86 -16.64 -4.41
N LEU A 340 4.87 -16.55 -3.51
CA LEU A 340 3.61 -17.26 -3.69
C LEU A 340 2.75 -16.65 -4.80
N ILE A 341 2.77 -15.33 -4.88
CA ILE A 341 2.03 -14.62 -5.92
C ILE A 341 2.53 -15.01 -7.31
N LEU A 342 3.85 -15.05 -7.48
CA LEU A 342 4.42 -15.43 -8.76
C LEU A 342 4.23 -16.92 -9.05
N ASN A 343 4.15 -17.73 -8.01
CA ASN A 343 3.88 -19.16 -8.17
C ASN A 343 2.46 -19.40 -8.69
N GLU A 344 1.48 -18.73 -8.09
CA GLU A 344 0.10 -18.82 -8.55
C GLU A 344 -0.02 -18.29 -9.97
N TRP A 345 0.69 -17.20 -10.23
CA TRP A 345 0.77 -16.60 -11.55
C TRP A 345 1.26 -17.61 -12.58
N LYS A 346 2.38 -18.26 -12.27
CA LYS A 346 2.97 -19.25 -13.15
C LYS A 346 2.07 -20.48 -13.32
N ASN A 347 1.31 -20.80 -12.28
CA ASN A 347 0.46 -21.99 -12.29
C ASN A 347 -0.85 -21.79 -13.06
N ASN A 348 -1.31 -20.53 -13.14
CA ASN A 348 -2.62 -20.25 -13.72
C ASN A 348 -2.57 -19.70 -15.15
N ILE A 349 -1.39 -19.30 -15.60
CA ILE A 349 -1.23 -18.80 -16.97
C ILE A 349 -0.29 -19.70 -17.75
N GLN A 350 -0.63 -19.97 -19.01
CA GLN A 350 0.17 -20.86 -19.85
C GLN A 350 1.60 -20.34 -20.00
N SER A 351 2.55 -21.29 -20.00
CA SER A 351 3.96 -20.97 -19.94
C SER A 351 4.45 -20.08 -21.08
N ASP A 352 4.00 -20.36 -22.31
CA ASP A 352 4.50 -19.63 -23.48
C ASP A 352 4.03 -18.19 -23.53
N LEU A 353 2.81 -17.93 -23.05
CA LEU A 353 2.30 -16.56 -22.98
C LEU A 353 3.13 -15.77 -21.98
N ILE A 354 3.36 -16.39 -20.82
CA ILE A 354 4.15 -15.76 -19.76
C ILE A 354 5.54 -15.38 -20.23
N LYS A 355 6.20 -16.29 -20.95
CA LYS A 355 7.56 -16.04 -21.41
C LYS A 355 7.62 -14.91 -22.42
N LYS A 356 6.72 -14.93 -23.40
CA LYS A 356 6.71 -13.91 -24.44
C LYS A 356 6.48 -12.51 -23.88
N VAL A 357 5.45 -12.36 -23.06
CA VAL A 357 5.09 -11.07 -22.49
C VAL A 357 6.18 -10.54 -21.55
N THR A 358 6.73 -11.41 -20.72
CA THR A 358 7.74 -11.00 -19.74
C THR A 358 9.02 -10.54 -20.45
N ASN A 359 9.41 -11.23 -21.50
CA ASN A 359 10.58 -10.83 -22.27
C ASN A 359 10.36 -9.49 -22.96
N TYR A 360 9.11 -9.19 -23.29
CA TYR A 360 8.76 -7.86 -23.81
C TYR A 360 8.97 -6.81 -22.73
N LEU A 361 8.52 -7.11 -21.51
CA LEU A 361 8.65 -6.18 -20.40
C LEU A 361 10.12 -5.92 -20.11
N VAL A 362 10.91 -6.99 -20.07
CA VAL A 362 12.34 -6.91 -19.78
C VAL A 362 13.09 -6.13 -20.86
N ASP A 363 12.63 -6.24 -22.11
CA ASP A 363 13.24 -5.50 -23.21
C ASP A 363 13.10 -3.99 -23.02
N GLY A 364 12.16 -3.58 -22.17
CA GLY A 364 11.99 -2.18 -21.86
C GLY A 364 12.32 -1.88 -20.42
N ASN A 365 13.15 -2.74 -19.82
CA ASN A 365 13.56 -2.60 -18.42
C ASN A 365 12.37 -2.60 -17.46
N GLY A 366 11.35 -3.39 -17.77
CA GLY A 366 10.17 -3.48 -16.93
C GLY A 366 10.44 -4.26 -15.66
N ARG A 367 9.66 -3.97 -14.62
CA ARG A 367 9.88 -4.59 -13.31
C ARG A 367 8.59 -5.15 -12.73
N PHE A 368 8.75 -6.17 -11.88
CA PHE A 368 7.67 -6.58 -10.98
C PHE A 368 7.97 -5.99 -9.60
N VAL A 369 7.23 -4.94 -9.23
CA VAL A 369 7.49 -4.26 -7.98
C VAL A 369 6.51 -4.67 -6.88
N PHE A 370 7.04 -5.25 -5.82
CA PHE A 370 6.26 -5.59 -4.65
C PHE A 370 6.63 -4.62 -3.53
N THR A 371 5.62 -3.94 -2.97
CA THR A 371 5.89 -2.83 -2.07
C THR A 371 4.85 -2.67 -0.96
N ASP A 372 5.23 -1.97 0.10
CA ASP A 372 4.28 -1.61 1.15
C ASP A 372 4.20 -0.09 1.32
N ILE A 373 4.70 0.65 0.33
CA ILE A 373 4.47 2.09 0.26
C ILE A 373 3.45 2.36 -0.85
N THR A 374 2.76 3.50 -0.77
CA THR A 374 1.69 3.80 -1.73
C THR A 374 2.27 3.97 -3.13
N LEU A 375 1.51 3.51 -4.11
CA LEU A 375 1.99 3.43 -5.50
C LEU A 375 2.39 4.76 -6.16
N PRO A 376 1.78 5.90 -5.76
CA PRO A 376 2.31 7.14 -6.35
C PRO A 376 3.76 7.42 -5.97
N ASN A 377 4.26 6.74 -4.94
CA ASN A 377 5.62 6.91 -4.48
C ASN A 377 6.57 5.88 -5.09
N ILE A 378 6.07 5.11 -6.05
CA ILE A 378 6.89 4.15 -6.78
C ILE A 378 7.41 4.82 -8.05
N ALA A 379 8.74 4.82 -8.19
CA ALA A 379 9.41 5.50 -9.31
C ALA A 379 8.91 5.01 -10.66
N GLU A 380 8.55 3.73 -10.73
CA GLU A 380 8.07 3.16 -11.98
C GLU A 380 6.73 3.79 -12.40
N GLN A 381 6.06 4.46 -11.47
CA GLN A 381 4.87 5.22 -11.81
C GLN A 381 5.14 6.72 -11.96
N TYR A 382 5.63 7.36 -10.90
CA TYR A 382 5.65 8.82 -10.89
C TYR A 382 6.64 9.42 -11.89
N THR A 383 7.61 8.63 -12.33
CA THR A 383 8.55 9.08 -13.36
C THR A 383 7.81 9.44 -14.65
N HIS A 384 6.76 8.69 -14.95
CA HIS A 384 6.02 8.86 -16.18
C HIS A 384 4.63 9.44 -15.93
N GLN A 385 4.47 10.10 -14.79
CA GLN A 385 3.19 10.68 -14.43
C GLN A 385 3.37 11.92 -13.54
N ASP A 386 3.62 13.05 -14.17
CA ASP A 386 3.89 14.31 -13.46
C ASP A 386 2.65 14.84 -12.74
N GLU A 387 1.50 14.76 -13.41
CA GLU A 387 0.24 15.18 -12.80
C GLU A 387 -0.12 14.30 -11.62
N ILE A 388 -0.18 14.91 -10.44
CA ILE A 388 -0.47 14.17 -9.21
C ILE A 388 -1.90 13.65 -9.24
N TYR A 389 -2.79 14.43 -9.85
CA TYR A 389 -4.19 14.03 -9.90
C TYR A 389 -4.42 12.85 -10.85
N GLU A 390 -3.42 12.52 -11.66
CA GLU A 390 -3.49 11.34 -12.51
C GLU A 390 -2.80 10.15 -11.85
N GLN A 391 -1.99 10.43 -10.84
CA GLN A 391 -1.32 9.37 -10.10
C GLN A 391 -2.36 8.51 -9.38
N VAL A 392 -2.09 7.21 -9.32
CA VAL A 392 -3.05 6.26 -8.77
C VAL A 392 -2.45 5.43 -7.65
N HIS A 393 -3.19 5.29 -6.56
CA HIS A 393 -2.87 4.29 -5.55
C HIS A 393 -3.95 3.23 -5.50
N SER A 394 -3.52 1.98 -5.49
CA SER A 394 -4.43 0.84 -5.47
C SER A 394 -3.69 -0.43 -5.09
N LYS A 395 -4.40 -1.55 -5.09
CA LYS A 395 -3.78 -2.84 -4.82
C LYS A 395 -2.73 -3.16 -5.87
N GLY A 396 -3.08 -2.95 -7.13
CA GLY A 396 -2.19 -3.27 -8.23
C GLY A 396 -2.26 -2.24 -9.34
N LEU A 397 -1.21 -2.18 -10.15
CA LEU A 397 -1.15 -1.24 -11.25
C LEU A 397 -0.22 -1.73 -12.35
N TYR A 398 -0.50 -1.32 -13.59
CA TYR A 398 0.42 -1.53 -14.70
C TYR A 398 0.75 -0.21 -15.39
N VAL A 399 2.03 0.06 -15.59
CA VAL A 399 2.48 1.29 -16.24
C VAL A 399 3.23 0.97 -17.53
N PRO A 400 2.58 1.17 -18.69
CA PRO A 400 3.15 0.84 -19.99
C PRO A 400 4.45 1.58 -20.31
N GLU A 401 4.59 2.80 -19.81
CA GLU A 401 5.79 3.60 -20.07
C GLU A 401 7.05 3.00 -19.44
N SER A 402 6.88 2.30 -18.33
CA SER A 402 8.00 1.64 -17.67
C SER A 402 7.84 0.13 -17.73
N ARG A 403 6.79 -0.30 -18.43
CA ARG A 403 6.45 -1.72 -18.59
C ARG A 403 6.51 -2.49 -17.28
N SER A 404 5.95 -1.91 -16.24
CA SER A 404 6.09 -2.48 -14.91
C SER A 404 4.75 -2.81 -14.25
N ILE A 405 4.76 -3.88 -13.47
CA ILE A 405 3.61 -4.26 -12.66
C ILE A 405 3.91 -3.87 -11.21
N LEU A 406 2.95 -3.17 -10.59
CA LEU A 406 3.12 -2.75 -9.20
C LEU A 406 2.10 -3.44 -8.32
N LEU A 407 2.56 -4.02 -7.22
CA LEU A 407 1.66 -4.72 -6.31
C LEU A 407 1.83 -4.23 -4.87
N HIS A 408 0.77 -3.62 -4.33
CA HIS A 408 0.81 -3.05 -2.99
C HIS A 408 0.29 -4.04 -1.95
N GLY A 409 1.18 -4.47 -1.07
CA GLY A 409 0.87 -5.48 -0.07
C GLY A 409 -0.31 -5.21 0.87
N PRO A 410 -0.16 -4.22 1.77
CA PRO A 410 -1.10 -3.95 2.86
C PRO A 410 -2.57 -3.78 2.46
N SER A 411 -2.83 -3.16 1.32
CA SER A 411 -4.20 -2.83 0.93
C SER A 411 -5.00 -4.04 0.48
N LYS A 412 -6.29 -3.82 0.26
CA LYS A 412 -7.21 -4.86 -0.20
C LYS A 412 -7.97 -4.39 -1.43
N GLY A 413 -7.81 -5.12 -2.53
CA GLY A 413 -8.47 -4.75 -3.78
C GLY A 413 -9.97 -4.92 -3.71
N VAL A 414 -10.70 -3.92 -4.20
CA VAL A 414 -12.16 -3.96 -4.18
C VAL A 414 -12.68 -5.09 -5.06
N GLU A 415 -13.50 -5.95 -4.47
CA GLU A 415 -14.03 -7.13 -5.14
C GLU A 415 -12.91 -7.99 -5.71
N LEU A 416 -11.94 -8.30 -4.85
CA LEU A 416 -10.78 -9.09 -5.23
C LEU A 416 -10.42 -10.06 -4.11
N ARG A 417 -10.33 -11.35 -4.44
CA ARG A 417 -10.05 -12.38 -3.45
C ARG A 417 -8.69 -12.18 -2.78
N ASN A 418 -7.63 -12.29 -3.57
CA ASN A 418 -6.28 -12.23 -3.04
C ASN A 418 -5.33 -11.43 -3.94
N ASP A 419 -4.05 -11.41 -3.56
CA ASP A 419 -3.04 -10.67 -4.30
C ASP A 419 -2.71 -11.31 -5.64
N SER A 420 -2.78 -12.65 -5.69
CA SER A 420 -2.46 -13.39 -6.90
C SER A 420 -3.41 -13.04 -8.04
N GLU A 421 -4.69 -12.95 -7.72
CA GLU A 421 -5.70 -12.57 -8.70
C GLU A 421 -5.47 -11.14 -9.19
N GLY A 422 -5.01 -10.28 -8.29
CA GLY A 422 -4.69 -8.92 -8.65
C GLY A 422 -3.53 -8.86 -9.63
N PHE A 423 -2.51 -9.66 -9.36
CA PHE A 423 -1.32 -9.71 -10.21
C PHE A 423 -1.68 -10.21 -11.60
N ILE A 424 -2.56 -11.20 -11.67
CA ILE A 424 -3.00 -11.74 -12.95
C ILE A 424 -3.72 -10.68 -13.78
N HIS A 425 -4.53 -9.87 -13.11
CA HIS A 425 -5.21 -8.73 -13.73
C HIS A 425 -4.21 -7.74 -14.33
N GLU A 426 -3.19 -7.39 -13.55
CA GLU A 426 -2.16 -6.47 -14.04
C GLU A 426 -1.40 -7.07 -15.22
N PHE A 427 -1.23 -8.39 -15.20
CA PHE A 427 -0.56 -9.07 -16.30
C PHE A 427 -1.44 -9.06 -17.55
N GLY A 428 -2.75 -8.92 -17.35
CA GLY A 428 -3.67 -8.73 -18.46
C GLY A 428 -3.34 -7.44 -19.19
N HIS A 429 -3.06 -6.38 -18.44
CA HIS A 429 -2.67 -5.10 -19.02
C HIS A 429 -1.38 -5.22 -19.83
N ALA A 430 -0.43 -6.03 -19.34
CA ALA A 430 0.83 -6.25 -20.06
C ALA A 430 0.59 -7.01 -21.36
N VAL A 431 -0.31 -7.98 -21.32
CA VAL A 431 -0.73 -8.71 -22.51
C VAL A 431 -1.33 -7.75 -23.53
N ASP A 432 -2.22 -6.89 -23.04
CA ASP A 432 -2.83 -5.82 -23.82
C ASP A 432 -1.76 -4.95 -24.49
N ASP A 433 -0.77 -4.55 -23.72
CA ASP A 433 0.35 -3.73 -24.21
C ASP A 433 1.11 -4.43 -25.34
N TYR A 434 1.55 -5.66 -25.08
CA TYR A 434 2.37 -6.38 -26.06
C TYR A 434 1.60 -6.70 -27.34
N ALA A 435 0.35 -7.12 -27.20
CA ALA A 435 -0.49 -7.45 -28.35
C ALA A 435 -0.63 -6.25 -29.29
N GLY A 436 -0.84 -5.07 -28.71
CA GLY A 436 -0.95 -3.85 -29.50
C GLY A 436 0.38 -3.46 -30.10
N TYR A 437 1.45 -3.74 -29.37
CA TYR A 437 2.80 -3.47 -29.86
C TYR A 437 3.11 -4.32 -31.09
N LEU A 438 2.64 -5.55 -31.08
CA LEU A 438 2.92 -6.49 -32.16
C LEU A 438 2.32 -6.07 -33.51
N LEU A 439 1.17 -5.41 -33.47
CA LEU A 439 0.49 -5.05 -34.71
C LEU A 439 0.95 -3.71 -35.26
N ASP A 440 1.82 -3.03 -34.51
CA ASP A 440 2.45 -1.79 -34.95
C ASP A 440 3.52 -1.35 -33.95
N LYS A 441 4.76 -1.76 -34.19
CA LYS A 441 5.85 -1.48 -33.26
C LYS A 441 6.27 -0.02 -33.31
N ASN A 442 6.07 0.61 -34.46
CA ASN A 442 6.41 2.02 -34.66
C ASN A 442 5.52 2.89 -33.78
N GLN A 443 4.23 2.90 -34.12
CA GLN A 443 3.22 3.63 -33.37
C GLN A 443 2.63 2.74 -32.30
N SER A 444 3.43 2.41 -31.30
CA SER A 444 3.04 1.45 -30.27
C SER A 444 1.85 1.96 -29.47
N ASP A 445 0.81 1.13 -29.38
CA ASP A 445 -0.39 1.48 -28.65
C ASP A 445 -0.98 0.21 -28.02
N LEU A 446 -1.94 0.37 -27.13
CA LEU A 446 -2.64 -0.76 -26.54
C LEU A 446 -3.60 -1.38 -27.55
N VAL A 447 -3.74 -2.70 -27.53
CA VAL A 447 -4.62 -3.37 -28.46
C VAL A 447 -6.09 -3.07 -28.12
N THR A 448 -6.33 -2.62 -26.90
CA THR A 448 -7.68 -2.27 -26.47
C THR A 448 -8.08 -0.88 -26.98
N ASN A 449 -7.13 -0.18 -27.58
CA ASN A 449 -7.40 1.11 -28.19
C ASN A 449 -7.77 0.98 -29.66
N SER A 450 -7.72 -0.25 -30.18
CA SER A 450 -8.13 -0.52 -31.56
C SER A 450 -9.64 -0.41 -31.67
N LYS A 451 -10.11 0.06 -32.82
CA LYS A 451 -11.54 0.18 -33.07
C LYS A 451 -12.25 -1.17 -32.91
N LYS A 452 -11.52 -2.23 -33.24
CA LYS A 452 -12.05 -3.58 -33.19
C LYS A 452 -12.48 -3.96 -31.77
N PHE A 453 -11.65 -3.68 -30.78
CA PHE A 453 -11.98 -4.02 -29.41
C PHE A 453 -12.91 -3.00 -28.76
N ILE A 454 -12.82 -1.75 -29.22
CA ILE A 454 -13.72 -0.71 -28.76
C ILE A 454 -15.17 -1.12 -29.00
N ASP A 455 -15.45 -1.62 -30.21
CA ASP A 455 -16.79 -2.09 -30.56
C ASP A 455 -17.21 -3.26 -29.69
N ILE A 456 -16.27 -4.15 -29.40
CA ILE A 456 -16.54 -5.29 -28.53
C ILE A 456 -16.83 -4.82 -27.10
N PHE A 457 -16.07 -3.83 -26.64
CA PHE A 457 -16.28 -3.29 -25.31
C PHE A 457 -17.64 -2.58 -25.20
N LYS A 458 -18.04 -1.90 -26.27
CA LYS A 458 -19.32 -1.20 -26.27
C LYS A 458 -20.48 -2.18 -26.22
N GLU A 459 -20.26 -3.39 -26.71
CA GLU A 459 -21.30 -4.41 -26.76
C GLU A 459 -21.35 -5.27 -25.49
N GLU A 460 -20.17 -5.64 -24.98
CA GLU A 460 -20.10 -6.61 -23.89
C GLU A 460 -19.54 -6.05 -22.59
N GLY A 461 -19.22 -4.75 -22.58
CA GLY A 461 -18.54 -4.12 -21.46
C GLY A 461 -19.19 -4.22 -20.09
N SER A 462 -20.50 -4.39 -20.06
CA SER A 462 -21.22 -4.45 -18.78
C SER A 462 -21.65 -5.88 -18.42
N ASN A 463 -21.15 -6.85 -19.17
CA ASN A 463 -21.56 -8.25 -18.98
C ASN A 463 -20.69 -9.02 -17.99
N LEU A 464 -19.62 -8.38 -17.53
CA LEU A 464 -18.74 -9.01 -16.55
C LEU A 464 -18.78 -8.26 -15.23
N THR A 465 -17.63 -8.06 -14.60
CA THR A 465 -17.59 -7.34 -13.32
C THR A 465 -18.03 -5.90 -13.47
N SER A 466 -18.55 -5.34 -12.39
CA SER A 466 -18.97 -3.94 -12.36
C SER A 466 -17.83 -3.01 -12.71
N TYR A 467 -16.63 -3.32 -12.22
CA TYR A 467 -15.47 -2.47 -12.48
C TYR A 467 -14.96 -2.64 -13.91
N GLY A 468 -15.24 -3.78 -14.52
CA GLY A 468 -14.89 -4.01 -15.91
C GLY A 468 -15.54 -2.99 -16.84
N ARG A 469 -16.63 -2.38 -16.38
CA ARG A 469 -17.37 -1.40 -17.15
C ARG A 469 -16.59 -0.10 -17.37
N THR A 470 -15.56 0.12 -16.57
CA THR A 470 -14.86 1.41 -16.52
C THR A 470 -14.33 1.86 -17.88
N ASN A 471 -13.52 1.01 -18.53
CA ASN A 471 -13.03 1.30 -19.88
C ASN A 471 -12.55 0.04 -20.58
N GLU A 472 -12.03 0.20 -21.80
CA GLU A 472 -11.59 -0.94 -22.60
C GLU A 472 -10.47 -1.73 -21.92
N ALA A 473 -9.46 -1.03 -21.43
CA ALA A 473 -8.31 -1.68 -20.82
C ALA A 473 -8.71 -2.49 -19.59
N GLU A 474 -9.51 -1.89 -18.72
CA GLU A 474 -9.95 -2.54 -17.49
C GLU A 474 -10.87 -3.73 -17.79
N PHE A 475 -11.70 -3.59 -18.82
CA PHE A 475 -12.60 -4.66 -19.22
C PHE A 475 -11.80 -5.86 -19.73
N PHE A 476 -10.79 -5.56 -20.54
CA PHE A 476 -9.86 -6.56 -21.04
C PHE A 476 -9.14 -7.29 -19.89
N ALA A 477 -8.58 -6.53 -18.96
CA ALA A 477 -7.81 -7.10 -17.86
C ALA A 477 -8.68 -7.92 -16.92
N GLU A 478 -9.91 -7.47 -16.71
CA GLU A 478 -10.87 -8.20 -15.88
C GLU A 478 -11.26 -9.51 -16.55
N ALA A 479 -11.54 -9.45 -17.84
CA ALA A 479 -11.88 -10.63 -18.61
C ALA A 479 -10.74 -11.64 -18.59
N PHE A 480 -9.51 -11.13 -18.74
CA PHE A 480 -8.32 -11.96 -18.70
C PHE A 480 -8.15 -12.64 -17.34
N ARG A 481 -8.45 -11.90 -16.27
CA ARG A 481 -8.35 -12.43 -14.92
C ARG A 481 -9.31 -13.59 -14.72
N LEU A 482 -10.57 -13.38 -15.08
CA LEU A 482 -11.61 -14.38 -14.89
C LEU A 482 -11.39 -15.61 -15.77
N MET A 483 -10.78 -15.40 -16.93
CA MET A 483 -10.45 -16.51 -17.83
C MET A 483 -9.33 -17.38 -17.28
N HIS A 484 -8.63 -16.86 -16.27
CA HIS A 484 -7.52 -17.61 -15.66
C HIS A 484 -7.74 -17.83 -14.17
N SER A 485 -8.99 -17.71 -13.73
CA SER A 485 -9.34 -17.96 -12.34
C SER A 485 -9.32 -19.46 -12.04
N THR A 486 -8.97 -19.81 -10.80
CA THR A 486 -8.97 -21.22 -10.40
C THR A 486 -10.38 -21.78 -10.42
N ASP A 487 -11.36 -20.91 -10.21
CA ASP A 487 -12.77 -21.29 -10.30
C ASP A 487 -13.15 -21.43 -11.77
N HIS A 488 -13.23 -22.68 -12.23
CA HIS A 488 -13.53 -22.99 -13.62
C HIS A 488 -14.87 -22.43 -14.06
N ALA A 489 -15.76 -22.21 -13.10
CA ALA A 489 -17.07 -21.63 -13.38
C ALA A 489 -16.93 -20.19 -13.85
N GLU A 490 -15.96 -19.47 -13.27
CA GLU A 490 -15.69 -18.10 -13.67
C GLU A 490 -15.23 -18.03 -15.12
N ARG A 491 -14.42 -19.00 -15.52
CA ARG A 491 -13.93 -19.08 -16.89
C ARG A 491 -15.09 -19.28 -17.86
N LEU A 492 -16.03 -20.14 -17.49
CA LEU A 492 -17.19 -20.42 -18.33
C LEU A 492 -18.13 -19.23 -18.39
N LYS A 493 -18.15 -18.42 -17.34
CA LYS A 493 -19.02 -17.26 -17.31
C LYS A 493 -18.52 -16.14 -18.21
N VAL A 494 -17.22 -16.15 -18.51
CA VAL A 494 -16.69 -15.19 -19.48
C VAL A 494 -17.02 -15.61 -20.90
N GLN A 495 -16.88 -16.90 -21.20
CA GLN A 495 -17.16 -17.40 -22.54
C GLN A 495 -18.64 -17.27 -22.86
N LYS A 496 -19.49 -17.48 -21.86
CA LYS A 496 -20.94 -17.43 -22.07
C LYS A 496 -21.46 -16.00 -22.16
N ASN A 497 -21.01 -15.13 -21.25
CA ASN A 497 -21.52 -13.77 -21.18
C ASN A 497 -20.77 -12.76 -22.05
N ALA A 498 -19.51 -13.03 -22.32
CA ALA A 498 -18.72 -12.17 -23.19
C ALA A 498 -17.92 -12.97 -24.21
N PRO A 499 -18.61 -13.67 -25.12
CA PRO A 499 -17.97 -14.57 -26.08
C PRO A 499 -17.06 -13.86 -27.09
N LYS A 500 -17.39 -12.62 -27.43
CA LYS A 500 -16.55 -11.87 -28.37
C LYS A 500 -15.26 -11.43 -27.68
N THR A 501 -15.38 -11.03 -26.42
CA THR A 501 -14.22 -10.64 -25.62
C THR A 501 -13.35 -11.86 -25.33
N PHE A 502 -14.02 -12.97 -25.02
CA PHE A 502 -13.37 -14.25 -24.80
C PHE A 502 -12.58 -14.67 -26.05
N GLN A 503 -13.22 -14.57 -27.21
CA GLN A 503 -12.59 -14.91 -28.48
C GLN A 503 -11.42 -13.98 -28.77
N PHE A 504 -11.65 -12.68 -28.60
CA PHE A 504 -10.65 -11.66 -28.88
C PHE A 504 -9.36 -11.90 -28.08
N ILE A 505 -9.51 -12.23 -26.81
CA ILE A 505 -8.37 -12.45 -25.94
C ILE A 505 -7.56 -13.67 -26.37
N ASN A 506 -8.25 -14.73 -26.74
CA ASN A 506 -7.58 -15.94 -27.23
C ASN A 506 -6.83 -15.66 -28.54
N ASP A 507 -7.39 -14.77 -29.35
CA ASP A 507 -6.74 -14.38 -30.59
C ASP A 507 -5.45 -13.61 -30.30
N GLN A 508 -5.46 -12.78 -29.26
CA GLN A 508 -4.27 -12.03 -28.88
C GLN A 508 -3.21 -12.97 -28.32
N ILE A 509 -3.66 -13.97 -27.57
CA ILE A 509 -2.75 -14.98 -27.02
C ILE A 509 -2.10 -15.78 -28.15
N LYS A 510 -2.91 -16.18 -29.13
CA LYS A 510 -2.41 -16.89 -30.30
C LYS A 510 -1.42 -16.02 -31.08
N PHE A 511 -1.78 -14.75 -31.22
CA PHE A 511 -0.93 -13.78 -31.90
C PHE A 511 0.43 -13.65 -31.21
N ILE A 512 0.40 -13.63 -29.88
CA ILE A 512 1.60 -13.42 -29.08
C ILE A 512 2.57 -14.60 -29.15
N ILE A 513 2.07 -15.81 -28.94
CA ILE A 513 2.95 -16.98 -28.89
C ILE A 513 3.50 -17.35 -30.27
N ASN A 514 2.81 -16.89 -31.31
CA ASN A 514 3.26 -17.12 -32.69
C ASN A 514 4.14 -15.99 -33.19
N SER A 515 4.54 -15.09 -32.30
CA SER A 515 5.36 -13.94 -32.69
C SER A 515 6.84 -14.17 -32.40
ZN ZN B . -6.44 -2.39 -14.08
O4 30H C . -7.05 -1.26 -12.19
C6 30H C . -6.89 0.77 -10.13
C11 30H C . -8.95 -1.14 -9.67
C12 30H C . -9.89 -0.48 -8.68
C13 30H C . -9.46 0.48 -7.78
C14 30H C . -10.39 1.03 -6.92
C15 30H C . -11.72 0.61 -6.96
C17 30H C . -11.22 -0.87 -8.69
C18 30H C . -7.51 -3.87 -8.72
C19 30H C . -8.78 -4.41 -8.76
C20 30H C . -9.00 -5.67 -9.32
C1 30H C . -6.25 -1.32 -11.26
C2 30H C . -6.54 -0.69 -9.92
N3 30H C . -5.07 -1.93 -11.40
O5 30H C . -4.57 -2.16 -12.68
N7 30H C . -7.59 -1.40 -9.19
S8 30H C . -7.28 -2.42 -8.09
O9 30H C . -8.15 -2.25 -6.95
O10 30H C . -5.92 -2.28 -7.65
N16 30H C . -12.10 -0.33 -7.84
C21 30H C . -7.92 -6.38 -9.84
C22 30H C . -6.64 -5.84 -9.80
C23 30H C . -6.43 -4.58 -9.24
F24 30H C . -8.13 -7.59 -10.37
C25 30H C . -10.38 -6.26 -9.35
C1 GOL D . -0.18 11.75 2.64
O1 GOL D . 1.07 11.17 2.37
C2 GOL D . -0.25 12.23 4.08
O2 GOL D . 0.99 12.77 4.46
C3 GOL D . -1.30 13.33 4.18
O3 GOL D . -2.39 12.90 4.97
C1 EDO E . -1.30 4.24 21.55
O1 EDO E . -0.39 5.26 21.13
C2 EDO E . -1.02 2.95 20.78
O2 EDO E . -1.27 3.17 19.38
C1 EDO F . -0.17 -11.42 28.21
O1 EDO F . -0.09 -10.03 27.85
C2 EDO F . 1.02 -12.13 27.61
O2 EDO F . 1.18 -11.65 26.27
#